data_7C8P
#
_entry.id   7C8P
#
_cell.length_a   164.419
_cell.length_b   164.419
_cell.length_c   164.419
_cell.angle_alpha   90.000
_cell.angle_beta   90.000
_cell.angle_gamma   90.000
#
_symmetry.space_group_name_H-M   'P 43 3 2'
#
loop_
_entity.id
_entity.type
_entity.pdbx_description
1 polymer 'Outer capsid protein VP4'
2 water water
#
_entity_poly.entity_id   1
_entity_poly.type   'polypeptide(L)'
_entity_poly.pdbx_seq_one_letter_code
;VLDGPYQPTSFNLPVDYWMMMSPTQAGRVAEGTNGTDRWFACIIVEPNVSLQSRDYVLDGQTVQLQVDNTSNTMWKFILF
IKLTKSGNYSQYSSLLTNHKLCAWIKRDSRVYWFDGTVPNSSDNYYLTINNDNSIVSSDVDFYLIPRTQTDSCRRCINNG
L
;
_entity_poly.pdbx_strand_id   A,B
#
# COMPACT_ATOMS: atom_id res chain seq x y z
N VAL A 1 16.81 23.99 11.44
CA VAL A 1 17.96 23.28 12.01
C VAL A 1 17.52 21.91 12.53
N LEU A 2 17.91 20.86 11.81
CA LEU A 2 17.60 19.49 12.17
C LEU A 2 18.83 18.82 12.78
N ASP A 3 18.57 17.94 13.73
CA ASP A 3 19.63 17.17 14.38
C ASP A 3 20.10 16.10 13.40
N GLY A 4 21.28 16.30 12.82
CA GLY A 4 21.83 15.35 11.87
C GLY A 4 22.62 16.03 10.77
N PRO A 5 23.01 15.26 9.74
CA PRO A 5 22.73 13.83 9.56
C PRO A 5 23.62 12.93 10.41
N TYR A 6 23.09 11.76 10.76
CA TYR A 6 23.81 10.75 11.51
C TYR A 6 24.24 9.62 10.59
N GLN A 7 25.38 9.01 10.90
CA GLN A 7 25.90 7.91 10.09
C GLN A 7 25.05 6.67 10.27
N PRO A 8 25.01 5.78 9.26
CA PRO A 8 24.32 4.50 9.43
C PRO A 8 24.79 3.77 10.67
N THR A 9 23.85 3.21 11.42
CA THR A 9 24.18 2.54 12.68
C THR A 9 22.96 1.82 13.20
N SER A 10 23.15 1.09 14.31
CA SER A 10 22.07 0.45 15.06
C SER A 10 22.07 0.98 16.47
N PHE A 11 20.89 1.23 17.03
CA PHE A 11 20.79 1.78 18.36
C PHE A 11 19.35 1.68 18.85
N ASN A 12 19.19 1.89 20.15
CA ASN A 12 17.89 1.95 20.80
C ASN A 12 17.34 3.35 20.57
N LEU A 13 16.57 3.49 19.51
CA LEU A 13 15.99 4.77 19.16
C LEU A 13 15.15 5.29 20.31
N PRO A 14 15.49 6.44 20.89
CA PRO A 14 14.69 6.98 22.00
C PRO A 14 13.27 7.27 21.57
N VAL A 15 12.33 7.09 22.50
CA VAL A 15 10.92 7.33 22.19
C VAL A 15 10.69 8.80 21.88
N ASP A 16 9.62 9.07 21.11
CA ASP A 16 9.20 10.44 20.78
C ASP A 16 10.26 11.18 19.97
N TYR A 17 11.01 10.48 19.13
CA TYR A 17 11.96 11.11 18.22
C TYR A 17 11.74 10.55 16.83
N TRP A 18 11.24 11.39 15.94
CA TRP A 18 11.17 11.04 14.53
C TRP A 18 12.56 10.73 13.99
N MET A 19 12.70 9.56 13.38
CA MET A 19 13.92 9.13 12.71
C MET A 19 13.64 9.21 11.22
N MET A 20 14.28 10.18 10.55
CA MET A 20 14.03 10.49 9.14
C MET A 20 15.23 10.06 8.33
N MET A 21 15.07 8.99 7.56
CA MET A 21 16.15 8.45 6.76
C MET A 21 16.09 8.97 5.33
N SER A 22 17.28 9.15 4.75
CA SER A 22 17.45 9.67 3.39
C SER A 22 18.43 8.77 2.66
N PRO A 23 17.94 7.76 1.96
CA PRO A 23 18.82 6.94 1.11
C PRO A 23 19.21 7.66 -0.17
N THR A 24 20.16 7.05 -0.87
CA THR A 24 20.54 7.51 -2.20
C THR A 24 20.36 6.45 -3.27
N GLN A 25 20.29 5.18 -2.91
CA GLN A 25 20.20 4.09 -3.85
C GLN A 25 18.97 3.23 -3.56
N ALA A 26 18.47 2.56 -4.60
CA ALA A 26 17.42 1.58 -4.39
C ALA A 26 17.92 0.48 -3.48
N GLY A 27 16.99 -0.13 -2.73
CA GLY A 27 17.33 -1.26 -1.89
C GLY A 27 16.90 -1.04 -0.46
N ARG A 28 17.54 -1.78 0.45
CA ARG A 28 17.18 -1.71 1.86
C ARG A 28 17.52 -0.33 2.43
N VAL A 29 16.64 0.17 3.30
CA VAL A 29 16.83 1.46 3.95
C VAL A 29 17.10 1.29 5.45
N ALA A 30 16.17 0.64 6.16
CA ALA A 30 16.33 0.49 7.61
C ALA A 30 15.49 -0.67 8.09
N GLU A 31 15.88 -1.23 9.24
CA GLU A 31 15.17 -2.31 9.91
C GLU A 31 14.95 -1.95 11.37
N GLY A 32 14.11 -2.75 12.02
CA GLY A 32 13.88 -2.61 13.44
C GLY A 32 13.08 -3.78 13.95
N THR A 33 13.17 -4.02 15.25
CA THR A 33 12.39 -5.11 15.83
C THR A 33 12.13 -4.85 17.31
N ASN A 34 11.03 -5.42 17.79
CA ASN A 34 10.75 -5.48 19.22
C ASN A 34 11.31 -6.75 19.86
N GLY A 35 11.89 -7.63 19.05
CA GLY A 35 12.59 -8.79 19.57
C GLY A 35 11.76 -10.04 19.72
N THR A 36 10.43 -9.94 19.70
CA THR A 36 9.60 -11.10 19.95
C THR A 36 8.66 -11.45 18.82
N ASP A 37 7.84 -10.50 18.33
CA ASP A 37 6.84 -10.85 17.33
C ASP A 37 6.68 -9.80 16.23
N ARG A 38 7.59 -8.85 16.11
CA ARG A 38 7.47 -7.77 15.13
C ARG A 38 8.85 -7.45 14.60
N TRP A 39 9.07 -7.69 13.30
CA TRP A 39 10.26 -7.24 12.59
C TRP A 39 9.81 -6.37 11.43
N PHE A 40 10.17 -5.09 11.44
CA PHE A 40 9.78 -4.23 10.35
C PHE A 40 11.00 -3.78 9.55
N ALA A 41 10.74 -3.31 8.33
CA ALA A 41 11.80 -2.88 7.44
C ALA A 41 11.21 -1.96 6.39
N CYS A 42 11.98 -0.96 5.98
CA CYS A 42 11.59 -0.11 4.86
C CYS A 42 12.67 -0.20 3.79
N ILE A 43 12.23 -0.43 2.56
CA ILE A 43 13.09 -0.44 1.39
C ILE A 43 12.63 0.69 0.48
N ILE A 44 13.44 1.03 -0.52
CA ILE A 44 13.07 2.07 -1.47
C ILE A 44 13.27 1.57 -2.89
N VAL A 45 12.29 1.89 -3.75
CA VAL A 45 12.23 1.42 -5.13
C VAL A 45 12.27 2.63 -6.05
N GLU A 46 13.14 2.56 -7.06
CA GLU A 46 13.30 3.66 -7.98
C GLU A 46 12.04 3.81 -8.86
N PRO A 47 11.90 4.95 -9.54
CA PRO A 47 10.74 5.12 -10.44
C PRO A 47 10.74 4.09 -11.56
N ASN A 48 9.54 3.87 -12.11
CA ASN A 48 9.35 3.13 -13.36
C ASN A 48 9.83 1.68 -13.22
N VAL A 49 9.21 0.94 -12.30
CA VAL A 49 9.60 -0.43 -11.99
C VAL A 49 8.38 -1.32 -12.11
N SER A 50 8.46 -2.32 -12.99
CA SER A 50 7.40 -3.29 -13.20
C SER A 50 7.39 -4.34 -12.10
N LEU A 51 6.26 -5.04 -11.97
CA LEU A 51 6.12 -6.14 -11.03
C LEU A 51 7.32 -7.07 -11.11
N GLN A 52 8.02 -7.24 -9.99
CA GLN A 52 9.14 -8.16 -10.00
C GLN A 52 9.47 -8.60 -8.59
N SER A 53 10.26 -9.68 -8.50
CA SER A 53 10.82 -10.14 -7.24
C SER A 53 12.23 -9.59 -7.11
N ARG A 54 12.51 -8.91 -6.00
CA ARG A 54 13.85 -8.45 -5.70
C ARG A 54 14.35 -9.14 -4.44
N ASP A 55 15.68 -9.13 -4.28
CA ASP A 55 16.32 -9.78 -3.15
C ASP A 55 16.68 -8.72 -2.11
N TYR A 56 16.43 -9.04 -0.85
CA TYR A 56 16.80 -8.20 0.27
C TYR A 56 17.30 -9.09 1.40
N VAL A 57 18.11 -8.50 2.27
CA VAL A 57 18.53 -9.17 3.49
C VAL A 57 17.77 -8.51 4.63
N LEU A 58 16.81 -9.25 5.21
CA LEU A 58 15.97 -8.79 6.29
C LEU A 58 16.07 -9.76 7.46
N ASP A 59 16.30 -9.23 8.65
CA ASP A 59 16.52 -10.05 9.84
C ASP A 59 17.63 -11.07 9.59
N GLY A 60 18.62 -10.67 8.79
CA GLY A 60 19.75 -11.52 8.49
C GLY A 60 19.50 -12.61 7.49
N GLN A 61 18.32 -12.65 6.86
CA GLN A 61 18.00 -13.68 5.89
C GLN A 61 17.81 -13.06 4.51
N THR A 62 18.26 -13.75 3.48
CA THR A 62 18.00 -13.31 2.11
C THR A 62 16.62 -13.76 1.71
N VAL A 63 15.75 -12.80 1.37
CA VAL A 63 14.37 -13.06 1.00
C VAL A 63 14.08 -12.40 -0.33
N GLN A 64 13.07 -12.92 -1.03
CA GLN A 64 12.56 -12.33 -2.26
C GLN A 64 11.21 -11.69 -1.96
N LEU A 65 11.08 -10.41 -2.32
CA LEU A 65 9.86 -9.67 -2.11
C LEU A 65 9.37 -9.11 -3.44
N GLN A 66 8.06 -9.06 -3.60
CA GLN A 66 7.45 -8.57 -4.83
C GLN A 66 7.25 -7.06 -4.72
N VAL A 67 7.83 -6.31 -5.65
CA VAL A 67 7.78 -4.85 -5.63
C VAL A 67 7.38 -4.32 -7.01
N ASP A 68 6.87 -3.10 -7.00
CA ASP A 68 6.54 -2.33 -8.19
C ASP A 68 6.64 -0.85 -7.82
N ASN A 69 6.80 -0.01 -8.84
CA ASN A 69 6.66 1.44 -8.65
C ASN A 69 6.07 1.98 -9.94
N THR A 70 4.80 2.38 -9.87
CA THR A 70 4.06 2.83 -11.05
C THR A 70 4.25 4.31 -11.31
N SER A 71 5.07 5.00 -10.52
CA SER A 71 5.36 6.41 -10.75
C SER A 71 6.53 6.56 -11.71
N ASN A 72 6.42 7.55 -12.61
CA ASN A 72 7.52 7.86 -13.50
C ASN A 72 8.50 8.85 -12.90
N THR A 73 8.12 9.54 -11.82
CA THR A 73 8.93 10.64 -11.30
C THR A 73 9.23 10.57 -9.81
N MET A 74 8.72 9.58 -9.10
CA MET A 74 8.89 9.52 -7.65
C MET A 74 9.41 8.15 -7.23
N TRP A 75 10.26 8.15 -6.22
CA TRP A 75 10.69 6.92 -5.58
C TRP A 75 9.63 6.47 -4.58
N LYS A 76 9.61 5.17 -4.29
CA LYS A 76 8.59 4.59 -3.45
C LYS A 76 9.23 3.84 -2.29
N PHE A 77 9.08 4.38 -1.08
CA PHE A 77 9.39 3.62 0.13
C PHE A 77 8.30 2.59 0.37
N ILE A 78 8.70 1.41 0.80
CA ILE A 78 7.77 0.34 1.15
C ILE A 78 8.09 -0.15 2.54
N LEU A 79 7.06 -0.27 3.38
CA LEU A 79 7.17 -0.77 4.74
C LEU A 79 6.63 -2.20 4.78
N PHE A 80 7.54 -3.13 5.02
CA PHE A 80 7.30 -4.56 5.20
C PHE A 80 7.35 -4.93 6.68
N ILE A 81 6.50 -5.89 7.08
CA ILE A 81 6.47 -6.38 8.45
C ILE A 81 6.45 -7.91 8.43
N LYS A 82 7.22 -8.50 9.34
CA LYS A 82 7.23 -9.94 9.60
C LYS A 82 6.66 -10.16 11.00
N LEU A 83 5.63 -11.01 11.08
CA LEU A 83 4.81 -11.15 12.28
C LEU A 83 5.25 -12.30 13.19
N THR A 84 6.17 -13.15 12.74
CA THR A 84 6.73 -14.20 13.57
C THR A 84 8.13 -14.50 13.05
N LYS A 85 9.00 -14.98 13.93
CA LYS A 85 10.42 -15.10 13.59
C LYS A 85 10.62 -15.89 12.30
N SER A 86 9.87 -16.99 12.14
CA SER A 86 10.02 -17.89 11.02
C SER A 86 9.19 -17.49 9.80
N GLY A 87 8.40 -16.42 9.91
CA GLY A 87 7.51 -16.04 8.84
C GLY A 87 8.18 -15.23 7.74
N ASN A 88 7.36 -14.72 6.84
CA ASN A 88 7.80 -13.89 5.73
C ASN A 88 7.38 -12.44 5.97
N TYR A 89 8.04 -11.54 5.24
CA TYR A 89 7.66 -10.14 5.22
C TYR A 89 6.60 -9.91 4.15
N SER A 90 5.65 -9.02 4.47
CA SER A 90 4.63 -8.60 3.52
C SER A 90 4.54 -7.08 3.56
N GLN A 91 4.18 -6.49 2.41
CA GLN A 91 4.02 -5.06 2.33
C GLN A 91 2.78 -4.62 3.11
N TYR A 92 2.94 -3.62 3.96
CA TYR A 92 1.82 -3.01 4.67
C TYR A 92 1.72 -1.50 4.52
N SER A 93 2.78 -0.80 4.12
CA SER A 93 2.62 0.64 3.88
C SER A 93 3.59 1.08 2.80
N SER A 94 3.41 2.32 2.33
CA SER A 94 4.28 2.87 1.31
C SER A 94 4.21 4.39 1.33
N LEU A 95 5.21 5.00 0.70
CA LEU A 95 5.34 6.45 0.65
C LEU A 95 5.93 6.83 -0.70
N LEU A 96 5.19 7.63 -1.49
CA LEU A 96 5.64 8.09 -2.78
C LEU A 96 6.24 9.48 -2.62
N THR A 97 7.51 9.64 -3.00
CA THR A 97 8.18 10.92 -2.78
C THR A 97 9.26 11.12 -3.83
N ASN A 98 9.40 12.36 -4.28
CA ASN A 98 10.56 12.73 -5.08
C ASN A 98 11.68 13.32 -4.22
N HIS A 99 11.46 13.48 -2.92
CA HIS A 99 12.50 13.98 -2.02
C HIS A 99 13.31 12.88 -1.36
N LYS A 100 12.91 11.62 -1.53
CA LYS A 100 13.66 10.47 -1.02
C LYS A 100 13.91 10.58 0.49
N LEU A 101 12.88 10.98 1.22
CA LEU A 101 12.93 11.06 2.68
C LEU A 101 11.77 10.27 3.25
N CYS A 102 12.06 9.42 4.24
CA CYS A 102 11.00 8.74 4.98
C CYS A 102 11.30 8.88 6.47
N ALA A 103 10.35 8.48 7.30
CA ALA A 103 10.56 8.67 8.73
C ALA A 103 9.59 7.78 9.52
N TRP A 104 10.07 7.28 10.65
CA TRP A 104 9.22 6.55 11.57
C TRP A 104 9.55 6.99 12.99
N ILE A 105 8.64 6.72 13.91
CA ILE A 105 8.79 7.16 15.30
C ILE A 105 8.27 6.07 16.23
N LYS A 106 8.89 5.99 17.40
CA LYS A 106 8.43 5.12 18.48
C LYS A 106 7.65 5.98 19.47
N ARG A 107 6.34 5.79 19.53
CA ARG A 107 5.52 6.54 20.46
C ARG A 107 4.29 5.72 20.84
N ASP A 108 3.89 5.83 22.10
CA ASP A 108 2.62 5.26 22.59
C ASP A 108 2.50 3.78 22.22
N SER A 109 3.51 3.00 22.58
CA SER A 109 3.55 1.56 22.38
C SER A 109 3.60 1.17 20.90
N ARG A 110 3.78 2.14 20.00
CA ARG A 110 3.66 1.91 18.57
C ARG A 110 4.86 2.48 17.83
N VAL A 111 4.92 2.14 16.55
CA VAL A 111 5.78 2.80 15.57
C VAL A 111 4.86 3.43 14.53
N TYR A 112 4.97 4.75 14.38
CA TYR A 112 4.21 5.48 13.38
C TYR A 112 5.11 5.78 12.19
N TRP A 113 4.46 5.94 11.02
CA TRP A 113 5.11 5.92 9.72
C TRP A 113 4.38 6.84 8.78
N PHE A 114 5.15 7.63 8.01
CA PHE A 114 4.60 8.61 7.09
C PHE A 114 4.13 7.94 5.81
N ASP A 115 2.90 8.26 5.41
CA ASP A 115 2.06 7.56 4.46
C ASP A 115 1.95 8.36 3.18
N GLY A 116 1.32 7.74 2.17
CA GLY A 116 0.72 8.49 1.08
C GLY A 116 1.71 9.00 0.04
N THR A 117 1.27 10.07 -0.64
CA THR A 117 1.99 10.65 -1.76
C THR A 117 2.24 12.13 -1.49
N VAL A 118 3.50 12.54 -1.53
CA VAL A 118 3.87 13.94 -1.28
C VAL A 118 3.26 14.81 -2.37
N PRO A 119 2.91 16.08 -2.07
CA PRO A 119 3.14 16.76 -0.78
C PRO A 119 2.00 16.58 0.22
N ASN A 120 1.32 15.43 0.18
CA ASN A 120 0.19 15.19 1.06
C ASN A 120 0.45 14.04 2.03
N SER A 121 1.71 13.72 2.31
CA SER A 121 2.03 12.66 3.25
C SER A 121 1.68 13.09 4.67
N SER A 122 1.38 12.10 5.52
CA SER A 122 1.23 12.36 6.94
C SER A 122 1.48 11.07 7.70
N ASP A 123 1.68 11.20 9.01
CA ASP A 123 2.00 10.08 9.89
C ASP A 123 0.74 9.26 10.19
N ASN A 124 0.25 8.58 9.16
CA ASN A 124 -1.02 7.88 9.27
C ASN A 124 -0.87 6.40 9.60
N TYR A 125 0.25 5.76 9.26
CA TYR A 125 0.31 4.32 9.50
C TYR A 125 1.01 4.04 10.82
N TYR A 126 0.63 2.95 11.47
CA TYR A 126 1.26 2.55 12.71
C TYR A 126 1.21 1.04 12.85
N LEU A 127 2.13 0.52 13.67
CA LEU A 127 2.07 -0.86 14.11
C LEU A 127 2.46 -0.91 15.57
N THR A 128 1.81 -1.79 16.33
CA THR A 128 2.12 -1.91 17.76
C THR A 128 3.41 -2.71 17.94
N ILE A 129 4.26 -2.25 18.87
CA ILE A 129 5.46 -3.01 19.20
C ILE A 129 5.55 -3.33 20.70
N ASN A 130 4.95 -2.50 21.54
CA ASN A 130 4.92 -2.74 23.00
C ASN A 130 6.31 -2.97 23.59
N ASN A 131 7.30 -2.22 23.10
CA ASN A 131 8.66 -2.35 23.62
C ASN A 131 9.41 -1.04 23.30
N ASP A 132 9.52 -0.17 24.31
CA ASP A 132 10.19 1.11 24.11
C ASP A 132 11.68 0.96 23.83
N ASN A 133 12.26 -0.21 24.07
CA ASN A 133 13.67 -0.45 23.81
C ASN A 133 13.90 -1.19 22.50
N SER A 134 12.89 -1.23 21.62
CA SER A 134 13.05 -1.89 20.34
C SER A 134 14.25 -1.34 19.59
N ILE A 135 15.03 -2.23 18.98
CA ILE A 135 16.29 -1.82 18.38
C ILE A 135 16.07 -1.49 16.91
N VAL A 136 16.71 -0.43 16.45
CA VAL A 136 16.56 0.06 15.09
C VAL A 136 17.93 0.14 14.43
N SER A 137 17.98 -0.18 13.14
CA SER A 137 19.22 -0.12 12.35
C SER A 137 18.95 0.61 11.06
N SER A 138 19.82 1.54 10.69
CA SER A 138 19.70 2.28 9.45
C SER A 138 20.97 2.12 8.63
N ASP A 139 20.80 1.79 7.35
CA ASP A 139 21.88 1.69 6.38
C ASP A 139 22.24 3.02 5.74
N VAL A 140 21.45 4.06 5.99
CA VAL A 140 21.59 5.34 5.31
C VAL A 140 21.66 6.44 6.36
N ASP A 141 21.95 7.66 5.89
CA ASP A 141 21.96 8.82 6.77
C ASP A 141 20.55 9.12 7.25
N PHE A 142 20.47 9.63 8.49
CA PHE A 142 19.18 9.96 9.08
C PHE A 142 19.31 11.16 9.99
N TYR A 143 18.18 11.80 10.25
CA TYR A 143 18.06 12.92 11.17
C TYR A 143 17.10 12.55 12.28
N LEU A 144 17.25 13.24 13.41
CA LEU A 144 16.35 13.09 14.55
C LEU A 144 15.56 14.39 14.73
N ILE A 145 14.25 14.27 14.84
CA ILE A 145 13.38 15.43 15.02
C ILE A 145 12.47 15.17 16.22
N PRO A 146 12.43 16.04 17.22
CA PRO A 146 11.58 15.77 18.38
C PRO A 146 10.11 15.67 18.00
N ARG A 147 9.36 14.93 18.83
CA ARG A 147 7.93 14.74 18.56
C ARG A 147 7.18 16.06 18.57
N THR A 148 7.59 17.00 19.44
CA THR A 148 6.97 18.31 19.46
C THR A 148 7.07 19.04 18.13
N GLN A 149 7.95 18.58 17.24
CA GLN A 149 8.11 19.19 15.93
C GLN A 149 7.68 18.25 14.81
N THR A 150 6.72 17.36 15.11
CA THR A 150 6.21 16.42 14.12
C THR A 150 5.88 17.11 12.80
N ASP A 151 5.17 18.24 12.88
CA ASP A 151 4.78 18.96 11.66
C ASP A 151 6.01 19.36 10.84
N SER A 152 7.07 19.83 11.50
CA SER A 152 8.32 20.12 10.80
C SER A 152 8.81 18.89 10.03
N CYS A 153 8.86 17.74 10.71
CA CYS A 153 9.19 16.50 10.01
C CYS A 153 8.26 16.30 8.83
N ARG A 154 6.95 16.46 9.05
CA ARG A 154 5.99 16.30 7.97
C ARG A 154 6.37 17.19 6.80
N ARG A 155 6.70 18.46 7.07
CA ARG A 155 7.06 19.38 6.01
C ARG A 155 8.27 18.85 5.23
N CYS A 156 9.30 18.38 5.95
CA CYS A 156 10.45 17.80 5.28
C CYS A 156 10.01 16.69 4.35
N ILE A 157 9.21 15.75 4.88
CA ILE A 157 8.76 14.61 4.08
C ILE A 157 8.08 15.10 2.81
N ASN A 158 7.29 16.16 2.93
CA ASN A 158 6.53 16.62 1.79
C ASN A 158 7.29 17.59 0.90
N ASN A 159 8.33 18.24 1.42
CA ASN A 159 8.93 19.36 0.69
C ASN A 159 10.43 19.27 0.49
N GLY A 160 11.11 18.33 1.14
CA GLY A 160 12.56 18.31 1.07
C GLY A 160 13.18 19.16 2.15
N LEU A 161 14.49 19.36 2.05
CA LEU A 161 15.24 20.06 3.08
C LEU A 161 15.41 21.56 2.81
N VAL B 1 -25.17 11.61 -15.07
CA VAL B 1 -25.97 10.40 -14.93
C VAL B 1 -25.11 9.17 -15.20
N LEU B 2 -25.19 8.18 -14.30
CA LEU B 2 -24.29 7.06 -14.30
C LEU B 2 -24.97 5.79 -14.81
N ASP B 3 -24.23 5.00 -15.57
CA ASP B 3 -24.73 3.76 -16.12
C ASP B 3 -24.67 2.68 -15.03
N GLY B 4 -25.80 2.48 -14.35
CA GLY B 4 -25.88 1.48 -13.30
C GLY B 4 -26.94 1.85 -12.27
N PRO B 5 -26.98 1.10 -11.15
CA PRO B 5 -26.07 0.01 -10.78
C PRO B 5 -26.47 -1.35 -11.36
N TYR B 6 -25.47 -2.16 -11.69
CA TYR B 6 -25.69 -3.53 -12.12
C TYR B 6 -25.47 -4.47 -10.94
N GLN B 7 -26.17 -5.60 -10.97
CA GLN B 7 -26.09 -6.57 -9.89
C GLN B 7 -24.78 -7.36 -9.96
N PRO B 8 -24.37 -7.94 -8.83
CA PRO B 8 -23.19 -8.82 -8.85
C PRO B 8 -23.25 -9.83 -9.97
N THR B 9 -22.11 -10.07 -10.62
CA THR B 9 -22.12 -10.93 -11.81
C THR B 9 -20.68 -11.17 -12.27
N SER B 10 -20.53 -12.14 -13.18
CA SER B 10 -19.28 -12.40 -13.89
C SER B 10 -19.48 -12.08 -15.37
N PHE B 11 -18.53 -11.35 -15.95
CA PHE B 11 -18.61 -11.08 -17.38
C PHE B 11 -17.27 -10.59 -17.89
N ASN B 12 -17.18 -10.54 -19.21
CA ASN B 12 -16.03 -10.00 -19.93
C ASN B 12 -16.19 -8.49 -19.97
N LEU B 13 -15.60 -7.82 -18.99
CA LEU B 13 -15.67 -6.38 -18.90
C LEU B 13 -15.10 -5.74 -20.16
N PRO B 14 -15.90 -5.03 -20.95
CA PRO B 14 -15.37 -4.40 -22.16
C PRO B 14 -14.24 -3.45 -21.83
N VAL B 15 -13.28 -3.34 -22.75
CA VAL B 15 -12.15 -2.46 -22.51
C VAL B 15 -12.63 -1.01 -22.45
N ASP B 16 -11.77 -0.16 -21.87
CA ASP B 16 -12.02 1.29 -21.80
C ASP B 16 -13.34 1.62 -21.10
N TYR B 17 -13.75 0.78 -20.15
CA TYR B 17 -14.91 1.04 -19.31
C TYR B 17 -14.51 0.87 -17.85
N TRP B 18 -14.49 1.97 -17.10
CA TRP B 18 -14.34 1.89 -15.65
C TRP B 18 -15.47 1.08 -15.04
N MET B 19 -15.09 0.09 -14.24
CA MET B 19 -16.01 -0.66 -13.41
C MET B 19 -15.84 -0.15 -11.99
N MET B 20 -16.87 0.54 -11.48
CA MET B 20 -16.84 1.20 -10.19
C MET B 20 -17.73 0.41 -9.23
N MET B 21 -17.11 -0.30 -8.30
CA MET B 21 -17.81 -1.18 -7.38
C MET B 21 -18.15 -0.45 -6.09
N SER B 22 -19.31 -0.81 -5.54
CA SER B 22 -19.91 -0.17 -4.37
C SER B 22 -20.30 -1.22 -3.35
N PRO B 23 -19.33 -1.72 -2.57
CA PRO B 23 -19.67 -2.70 -1.52
C PRO B 23 -20.35 -2.03 -0.33
N THR B 24 -21.01 -2.86 0.47
CA THR B 24 -21.61 -2.42 1.73
C THR B 24 -20.99 -3.06 2.96
N GLN B 25 -20.38 -4.24 2.82
CA GLN B 25 -19.85 -5.00 3.94
C GLN B 25 -18.36 -5.25 3.75
N ALA B 26 -17.67 -5.48 4.86
CA ALA B 26 -16.27 -5.89 4.81
C ALA B 26 -16.16 -7.26 4.16
N GLY B 27 -15.08 -7.46 3.39
CA GLY B 27 -14.82 -8.75 2.79
C GLY B 27 -14.47 -8.62 1.31
N ARG B 28 -14.63 -9.72 0.58
CA ARG B 28 -14.30 -9.72 -0.84
C ARG B 28 -15.22 -8.77 -1.60
N VAL B 29 -14.64 -8.04 -2.55
CA VAL B 29 -15.40 -7.13 -3.39
C VAL B 29 -15.52 -7.65 -4.81
N ALA B 30 -14.39 -8.00 -5.44
CA ALA B 30 -14.38 -8.45 -6.81
C ALA B 30 -13.05 -9.12 -7.10
N GLU B 31 -13.04 -9.96 -8.13
CA GLU B 31 -11.79 -10.55 -8.61
C GLU B 31 -11.86 -10.66 -10.13
N GLY B 32 -10.71 -10.86 -10.74
CA GLY B 32 -10.65 -11.02 -12.17
C GLY B 32 -9.34 -11.67 -12.56
N THR B 33 -9.30 -12.20 -13.78
CA THR B 33 -8.05 -12.83 -14.22
C THR B 33 -7.94 -12.82 -15.74
N ASN B 34 -6.68 -12.87 -16.19
CA ASN B 34 -6.29 -13.03 -17.59
C ASN B 34 -6.02 -14.48 -17.96
N GLY B 35 -6.05 -15.38 -16.99
CA GLY B 35 -5.93 -16.80 -17.24
C GLY B 35 -4.52 -17.36 -17.20
N THR B 36 -3.49 -16.52 -17.29
CA THR B 36 -2.12 -17.01 -17.38
C THR B 36 -1.24 -16.56 -16.23
N ASP B 37 -1.13 -15.26 -15.97
CA ASP B 37 -0.17 -14.80 -14.97
C ASP B 37 -0.66 -13.67 -14.09
N ARG B 38 -1.95 -13.35 -14.10
CA ARG B 38 -2.49 -12.29 -13.27
C ARG B 38 -3.82 -12.75 -12.70
N TRP B 39 -3.87 -12.98 -11.40
CA TRP B 39 -5.12 -13.18 -10.69
C TRP B 39 -5.24 -12.05 -9.68
N PHE B 40 -6.12 -11.10 -9.95
CA PHE B 40 -6.27 -9.94 -9.09
C PHE B 40 -7.62 -9.96 -8.39
N ALA B 41 -7.64 -9.39 -7.19
CA ALA B 41 -8.84 -9.32 -6.37
C ALA B 41 -8.73 -8.11 -5.47
N CYS B 42 -9.84 -7.45 -5.22
CA CYS B 42 -9.87 -6.39 -4.22
C CYS B 42 -10.80 -6.78 -3.09
N ILE B 43 -10.34 -6.53 -1.88
CA ILE B 43 -11.15 -6.72 -0.67
C ILE B 43 -11.35 -5.35 -0.05
N ILE B 44 -12.29 -5.26 0.88
CA ILE B 44 -12.50 -4.03 1.61
C ILE B 44 -12.47 -4.35 3.10
N VAL B 45 -11.82 -3.47 3.87
CA VAL B 45 -11.60 -3.65 5.29
C VAL B 45 -12.21 -2.45 6.00
N GLU B 46 -13.04 -2.73 7.02
CA GLU B 46 -13.73 -1.69 7.76
C GLU B 46 -12.74 -0.84 8.54
N PRO B 47 -13.16 0.34 9.01
CA PRO B 47 -12.23 1.20 9.75
C PRO B 47 -11.74 0.54 11.03
N ASN B 48 -10.55 0.95 11.48
CA ASN B 48 -10.05 0.65 12.82
C ASN B 48 -9.88 -0.86 13.04
N VAL B 49 -9.02 -1.45 12.22
CA VAL B 49 -8.75 -2.88 12.28
C VAL B 49 -7.28 -3.09 12.60
N SER B 50 -7.01 -3.83 13.68
CA SER B 50 -5.64 -4.21 14.01
C SER B 50 -5.16 -5.32 13.10
N LEU B 51 -3.84 -5.39 12.94
CA LEU B 51 -3.21 -6.44 12.13
C LEU B 51 -3.78 -7.80 12.51
N GLN B 52 -4.42 -8.48 11.55
CA GLN B 52 -5.05 -9.75 11.89
C GLN B 52 -5.19 -10.59 10.63
N SER B 53 -5.46 -11.87 10.84
CA SER B 53 -5.60 -12.83 9.75
C SER B 53 -7.08 -13.04 9.45
N ARG B 54 -7.46 -12.92 8.18
CA ARG B 54 -8.82 -13.16 7.76
C ARG B 54 -8.82 -14.14 6.60
N ASP B 55 -9.86 -14.97 6.56
CA ASP B 55 -10.07 -15.91 5.47
C ASP B 55 -10.87 -15.22 4.36
N TYR B 56 -10.41 -15.41 3.13
CA TYR B 56 -11.16 -14.98 1.95
C TYR B 56 -11.15 -16.11 0.93
N VAL B 57 -12.21 -16.20 0.13
CA VAL B 57 -12.25 -17.15 -0.98
C VAL B 57 -11.80 -16.41 -2.23
N LEU B 58 -10.58 -16.71 -2.68
CA LEU B 58 -10.01 -16.10 -3.87
C LEU B 58 -9.67 -17.22 -4.85
N ASP B 59 -10.06 -17.02 -6.11
CA ASP B 59 -9.87 -18.03 -7.15
C ASP B 59 -10.39 -19.39 -6.70
N GLY B 60 -11.52 -19.39 -6.00
CA GLY B 60 -12.15 -20.61 -5.57
C GLY B 60 -11.49 -21.34 -4.42
N GLN B 61 -10.44 -20.78 -3.83
CA GLN B 61 -9.75 -21.39 -2.72
C GLN B 61 -9.81 -20.50 -1.49
N THR B 62 -9.88 -21.11 -0.31
CA THR B 62 -9.74 -20.36 0.92
C THR B 62 -8.27 -20.00 1.12
N VAL B 63 -7.98 -18.70 1.12
CA VAL B 63 -6.65 -18.20 1.41
C VAL B 63 -6.73 -17.32 2.66
N GLN B 64 -5.64 -17.29 3.41
CA GLN B 64 -5.58 -16.52 4.64
C GLN B 64 -4.69 -15.31 4.39
N LEU B 65 -5.24 -14.12 4.57
CA LEU B 65 -4.52 -12.87 4.33
C LEU B 65 -4.46 -12.06 5.61
N GLN B 66 -3.31 -11.46 5.85
CA GLN B 66 -3.12 -10.56 6.97
C GLN B 66 -3.45 -9.14 6.53
N VAL B 67 -4.37 -8.49 7.24
CA VAL B 67 -4.89 -7.20 6.83
C VAL B 67 -4.89 -6.24 8.01
N ASP B 68 -5.21 -4.99 7.67
CA ASP B 68 -4.93 -3.79 8.44
C ASP B 68 -5.86 -2.68 7.98
N ASN B 69 -6.25 -1.81 8.91
CA ASN B 69 -6.81 -0.51 8.53
C ASN B 69 -6.55 0.46 9.68
N THR B 70 -5.53 1.31 9.53
CA THR B 70 -5.15 2.26 10.55
C THR B 70 -5.98 3.53 10.53
N SER B 71 -6.94 3.65 9.61
CA SER B 71 -7.86 4.77 9.61
C SER B 71 -9.03 4.48 10.56
N ASN B 72 -9.50 5.52 11.25
CA ASN B 72 -10.62 5.38 12.15
C ASN B 72 -11.96 5.72 11.52
N THR B 73 -11.96 6.33 10.33
CA THR B 73 -13.20 6.78 9.71
C THR B 73 -13.39 6.29 8.28
N MET B 74 -12.36 5.75 7.64
CA MET B 74 -12.43 5.39 6.24
C MET B 74 -12.24 3.89 6.06
N TRP B 75 -12.96 3.32 5.10
CA TRP B 75 -12.76 1.95 4.70
C TRP B 75 -11.57 1.87 3.74
N LYS B 76 -10.96 0.69 3.68
CA LYS B 76 -9.75 0.50 2.89
C LYS B 76 -9.90 -0.67 1.94
N PHE B 77 -10.03 -0.37 0.66
CA PHE B 77 -9.88 -1.37 -0.39
C PHE B 77 -8.42 -1.79 -0.47
N ILE B 78 -8.19 -3.08 -0.68
CA ILE B 78 -6.85 -3.59 -0.93
C ILE B 78 -6.87 -4.37 -2.23
N LEU B 79 -5.91 -4.08 -3.11
CA LEU B 79 -5.72 -4.80 -4.36
C LEU B 79 -4.59 -5.80 -4.15
N PHE B 80 -4.97 -7.09 -4.14
CA PHE B 80 -4.10 -8.26 -4.10
C PHE B 80 -3.97 -8.89 -5.47
N ILE B 81 -2.77 -9.42 -5.77
CA ILE B 81 -2.50 -10.12 -7.02
C ILE B 81 -1.66 -11.35 -6.72
N LYS B 82 -1.95 -12.44 -7.42
CA LYS B 82 -1.05 -13.58 -7.48
C LYS B 82 -0.65 -13.80 -8.94
N LEU B 83 0.61 -14.21 -9.13
CA LEU B 83 1.23 -14.26 -10.45
C LEU B 83 1.25 -15.65 -11.06
N THR B 84 0.87 -16.68 -10.31
CA THR B 84 0.76 -18.04 -10.81
C THR B 84 -0.53 -18.65 -10.33
N LYS B 85 -0.97 -19.72 -11.00
CA LYS B 85 -2.26 -20.32 -10.69
C LYS B 85 -2.31 -20.83 -9.26
N SER B 86 -1.21 -21.34 -8.74
CA SER B 86 -1.16 -21.92 -7.40
C SER B 86 -0.34 -21.08 -6.43
N GLY B 87 -0.10 -19.82 -6.77
CA GLY B 87 0.73 -18.95 -5.95
C GLY B 87 -0.06 -18.18 -4.90
N ASN B 88 0.67 -17.43 -4.09
CA ASN B 88 0.08 -16.63 -3.04
C ASN B 88 -0.24 -15.24 -3.54
N TYR B 89 -1.33 -14.68 -3.01
CA TYR B 89 -1.63 -13.27 -3.24
C TYR B 89 -0.75 -12.39 -2.37
N SER B 90 -0.29 -11.29 -2.94
CA SER B 90 0.40 -10.24 -2.20
C SER B 90 -0.33 -8.93 -2.43
N GLN B 91 -0.25 -8.03 -1.45
CA GLN B 91 -0.87 -6.72 -1.56
C GLN B 91 -0.02 -5.83 -2.45
N TYR B 92 -0.65 -5.20 -3.44
CA TYR B 92 0.05 -4.23 -4.26
C TYR B 92 -0.57 -2.85 -4.24
N SER B 93 -1.86 -2.70 -3.96
CA SER B 93 -2.39 -1.35 -3.91
C SER B 93 -3.49 -1.27 -2.86
N SER B 94 -3.99 -0.05 -2.64
CA SER B 94 -5.08 0.15 -1.69
C SER B 94 -5.78 1.47 -2.00
N LEU B 95 -6.98 1.63 -1.45
CA LEU B 95 -7.76 2.86 -1.59
C LEU B 95 -8.44 3.17 -0.26
N LEU B 96 -8.20 4.37 0.28
CA LEU B 96 -8.80 4.81 1.53
C LEU B 96 -9.95 5.75 1.22
N THR B 97 -11.15 5.42 1.69
CA THR B 97 -12.31 6.22 1.31
C THR B 97 -13.45 6.02 2.30
N ASN B 98 -14.17 7.10 2.58
CA ASN B 98 -15.41 7.04 3.33
C ASN B 98 -16.63 6.88 2.44
N HIS B 99 -16.45 6.89 1.11
CA HIS B 99 -17.55 6.68 0.18
C HIS B 99 -17.74 5.23 -0.23
N LYS B 100 -16.82 4.34 0.15
CA LYS B 100 -16.89 2.91 -0.17
C LYS B 100 -17.17 2.69 -1.65
N LEU B 101 -16.41 3.41 -2.49
CA LEU B 101 -16.41 3.22 -3.93
C LEU B 101 -14.99 2.95 -4.39
N CYS B 102 -14.82 1.95 -5.27
CA CYS B 102 -13.54 1.75 -5.92
C CYS B 102 -13.78 1.50 -7.40
N ALA B 103 -12.72 1.43 -8.20
CA ALA B 103 -12.90 1.33 -9.64
C ALA B 103 -11.62 0.83 -10.30
N TRP B 104 -11.78 -0.03 -11.31
CA TRP B 104 -10.65 -0.44 -12.15
C TRP B 104 -11.11 -0.49 -13.60
N ILE B 105 -10.15 -0.50 -14.52
CA ILE B 105 -10.46 -0.43 -15.94
C ILE B 105 -9.48 -1.30 -16.73
N LYS B 106 -9.99 -1.95 -17.77
CA LYS B 106 -9.15 -2.68 -18.72
C LYS B 106 -8.80 -1.73 -19.86
N ARG B 107 -7.61 -1.13 -19.81
CA ARG B 107 -7.24 -0.19 -20.85
C ARG B 107 -5.77 -0.38 -21.23
N ASP B 108 -5.51 -0.35 -22.54
CA ASP B 108 -4.16 -0.42 -23.10
C ASP B 108 -3.40 -1.63 -22.55
N SER B 109 -4.06 -2.77 -22.56
CA SER B 109 -3.50 -4.06 -22.13
C SER B 109 -3.17 -4.10 -20.64
N ARG B 110 -3.63 -3.11 -19.87
CA ARG B 110 -3.44 -3.06 -18.43
C ARG B 110 -4.79 -3.03 -17.72
N VAL B 111 -4.73 -3.15 -16.40
CA VAL B 111 -5.83 -2.83 -15.50
C VAL B 111 -5.37 -1.68 -14.63
N TYR B 112 -6.06 -0.55 -14.73
CA TYR B 112 -5.76 0.61 -13.91
C TYR B 112 -6.73 0.68 -12.74
N TRP B 113 -6.27 1.33 -11.67
CA TRP B 113 -6.85 1.24 -10.35
C TRP B 113 -6.61 2.54 -9.60
N PHE B 114 -7.67 3.03 -8.95
CA PHE B 114 -7.63 4.28 -8.22
C PHE B 114 -6.92 4.10 -6.89
N ASP B 115 -5.99 5.00 -6.61
CA ASP B 115 -4.96 4.92 -5.59
C ASP B 115 -5.30 5.82 -4.41
N GLY B 116 -4.51 5.64 -3.34
CA GLY B 116 -4.37 6.69 -2.35
C GLY B 116 -5.56 6.91 -1.46
N THR B 117 -5.77 8.17 -1.09
CA THR B 117 -6.73 8.58 -0.07
C THR B 117 -7.58 9.72 -0.61
N VAL B 118 -8.89 9.57 -0.53
CA VAL B 118 -9.83 10.59 -0.99
C VAL B 118 -9.70 11.81 -0.09
N PRO B 119 -9.91 13.04 -0.61
CA PRO B 119 -10.39 13.34 -1.97
C PRO B 119 -9.27 13.53 -2.99
N ASN B 120 -8.14 12.85 -2.81
CA ASN B 120 -6.99 12.98 -3.70
C ASN B 120 -6.66 11.66 -4.40
N SER B 121 -7.67 10.83 -4.67
CA SER B 121 -7.44 9.59 -5.38
C SER B 121 -7.33 9.84 -6.87
N SER B 122 -6.50 9.04 -7.54
CA SER B 122 -6.40 9.10 -8.99
C SER B 122 -5.98 7.74 -9.51
N ASP B 123 -6.15 7.55 -10.83
CA ASP B 123 -5.89 6.27 -11.47
C ASP B 123 -4.38 6.09 -11.65
N ASN B 124 -3.71 5.96 -10.51
CA ASN B 124 -2.26 5.89 -10.51
C ASN B 124 -1.70 4.47 -10.51
N TYR B 125 -2.49 3.46 -10.12
CA TYR B 125 -1.91 2.12 -10.08
C TYR B 125 -2.34 1.30 -11.30
N TYR B 126 -1.45 0.43 -11.78
CA TYR B 126 -1.78 -0.42 -12.91
C TYR B 126 -1.08 -1.76 -12.75
N LEU B 127 -1.60 -2.75 -13.46
CA LEU B 127 -0.90 -4.02 -13.66
C LEU B 127 -1.14 -4.47 -15.10
N THR B 128 -0.13 -5.09 -15.70
CA THR B 128 -0.27 -5.56 -17.07
C THR B 128 -1.03 -6.88 -17.08
N ILE B 129 -2.09 -6.97 -17.89
CA ILE B 129 -2.85 -8.20 -18.05
C ILE B 129 -2.67 -8.82 -19.42
N ASN B 130 -2.58 -7.99 -20.47
CA ASN B 130 -2.40 -8.48 -21.84
C ASN B 130 -3.49 -9.47 -22.23
N ASN B 131 -4.74 -9.13 -21.89
CA ASN B 131 -5.87 -9.98 -22.29
C ASN B 131 -7.12 -9.12 -22.26
N ASP B 132 -7.58 -8.67 -23.44
CA ASP B 132 -8.78 -7.86 -23.50
C ASP B 132 -10.04 -8.66 -23.15
N ASN B 133 -9.95 -9.99 -23.10
CA ASN B 133 -11.09 -10.84 -22.76
C ASN B 133 -11.05 -11.32 -21.32
N SER B 134 -10.23 -10.68 -20.48
CA SER B 134 -10.09 -11.09 -19.08
C SER B 134 -11.42 -11.02 -18.36
N ILE B 135 -11.74 -12.06 -17.61
CA ILE B 135 -13.06 -12.15 -16.98
C ILE B 135 -13.02 -11.52 -15.60
N VAL B 136 -14.05 -10.72 -15.29
CA VAL B 136 -14.17 -10.09 -13.98
C VAL B 136 -15.46 -10.53 -13.32
N SER B 137 -15.40 -10.64 -12.01
CA SER B 137 -16.51 -11.04 -11.15
C SER B 137 -16.66 -10.01 -10.04
N SER B 138 -17.88 -9.53 -9.85
CA SER B 138 -18.20 -8.58 -8.78
C SER B 138 -19.23 -9.18 -7.84
N ASP B 139 -18.93 -9.15 -6.55
CA ASP B 139 -19.84 -9.58 -5.51
C ASP B 139 -20.80 -8.47 -5.06
N VAL B 140 -20.65 -7.26 -5.60
CA VAL B 140 -21.40 -6.09 -5.16
C VAL B 140 -21.89 -5.34 -6.39
N ASP B 141 -22.79 -4.38 -6.15
CA ASP B 141 -23.28 -3.53 -7.22
C ASP B 141 -22.13 -2.72 -7.83
N PHE B 142 -22.26 -2.37 -9.10
CA PHE B 142 -21.22 -1.60 -9.76
C PHE B 142 -21.81 -0.74 -10.87
N TYR B 143 -21.00 0.20 -11.33
CA TYR B 143 -21.34 1.12 -12.41
C TYR B 143 -20.29 1.01 -13.50
N LEU B 144 -20.65 1.45 -14.70
CA LEU B 144 -19.74 1.48 -15.84
C LEU B 144 -19.65 2.89 -16.37
N ILE B 145 -18.42 3.41 -16.45
CA ILE B 145 -18.18 4.78 -16.91
C ILE B 145 -17.16 4.71 -18.04
N PRO B 146 -17.46 5.21 -19.23
CA PRO B 146 -16.50 5.08 -20.34
C PRO B 146 -15.19 5.81 -20.06
N ARG B 147 -14.16 5.39 -20.78
CA ARG B 147 -12.81 5.92 -20.58
C ARG B 147 -12.75 7.42 -20.80
N THR B 148 -13.44 7.92 -21.83
CA THR B 148 -13.43 9.35 -22.10
C THR B 148 -13.93 10.15 -20.90
N GLN B 149 -14.81 9.56 -20.09
CA GLN B 149 -15.33 10.22 -18.90
C GLN B 149 -14.61 9.80 -17.63
N THR B 150 -13.32 9.47 -17.74
CA THR B 150 -12.54 9.09 -16.58
C THR B 150 -12.66 10.12 -15.45
N ASP B 151 -12.59 11.41 -15.79
CA ASP B 151 -12.68 12.45 -14.77
C ASP B 151 -13.94 12.29 -13.93
N SER B 152 -15.09 12.01 -14.58
CA SER B 152 -16.31 11.79 -13.82
C SER B 152 -16.11 10.68 -12.80
N CYS B 153 -15.57 9.55 -13.24
CA CYS B 153 -15.25 8.46 -12.33
C CYS B 153 -14.39 8.97 -11.17
N ARG B 154 -13.35 9.73 -11.49
CA ARG B 154 -12.48 10.28 -10.45
C ARG B 154 -13.31 11.04 -9.42
N ARG B 155 -14.20 11.92 -9.90
CA ARG B 155 -15.01 12.69 -8.96
C ARG B 155 -15.84 11.78 -8.07
N CYS B 156 -16.45 10.74 -8.66
CA CYS B 156 -17.26 9.82 -7.87
C CYS B 156 -16.41 9.14 -6.80
N ILE B 157 -15.16 8.80 -7.14
CA ILE B 157 -14.30 8.15 -6.17
C ILE B 157 -14.01 9.09 -5.00
N ASN B 158 -13.84 10.38 -5.30
CA ASN B 158 -13.39 11.32 -4.29
C ASN B 158 -14.53 12.00 -3.54
N ASN B 159 -15.73 12.01 -4.09
CA ASN B 159 -16.83 12.76 -3.50
C ASN B 159 -18.10 11.94 -3.27
N GLY B 160 -18.13 10.68 -3.69
CA GLY B 160 -19.35 9.90 -3.59
C GLY B 160 -20.29 10.20 -4.74
N LEU B 161 -21.51 9.68 -4.61
CA LEU B 161 -22.49 9.81 -5.68
C LEU B 161 -23.27 11.13 -5.65
#